data_6T9S
#
_entry.id   6T9S
#
_cell.length_a   154.140
_cell.length_b   154.140
_cell.length_c   127.520
_cell.angle_alpha   90.000
_cell.angle_beta   90.000
_cell.angle_gamma   90.000
#
_symmetry.space_group_name_H-M   'I 4 2 2'
#
loop_
_entity.id
_entity.type
_entity.pdbx_description
1 polymer Cholinesterase
2 branched alpha-L-fucopyranose-(1-6)-2-acetamido-2-deoxy-beta-D-glucopyranose
3 branched 2-acetamido-2-deoxy-beta-D-glucopyranose-(1-4)-[alpha-L-fucopyranose-(5-6)]2-acetamido-2-deoxy-beta-D-glucopyranose
4 non-polymer GLYCEROL
5 non-polymer 2-acetamido-2-deoxy-beta-D-glucopyranose
6 non-polymer '(2~{E})-2-hydroxyimino-~{N}-[(1~{S})-3-[4-[(2-methylimidazol-1-yl)methyl]-1,2,3-triazol-1-yl]-1-phenyl-propyl]ethanamid e'
7 non-polymer 'SULFATE ION'
8 water water
#
_entity_poly.entity_id   1
_entity_poly.type   'polypeptide(L)'
_entity_poly.pdbx_seq_one_letter_code
;EDDIIIATKNGKVRGMQLTVFGGTVTAFLGIPYAQPPLGRLRFKKPQSLTKWSDIWNATKYANSCCQNIDQSFPGFHGSE
MWNPNTDLSEDCLYLNVWIPAPKPKNATVLIWIYGGGFQTGTSSLHVYDGKFLARVERVIVVSMNYRVGALGFLALPGNP
EAPGNMGLFDQQLALQWVQKNIAAFGGNPKSVTLFGESAGAASVSLHLLSPGSHSLFTRAILQSGSFNAPWAVTSLYEAR
NRTLNLAKLTGCSRENETEIIKCLRNKDPQEILLNEAFVVPYGTPLSVNFGPTVDGDFLTDMPDILLELGQFKKTQILVG
VNKDEGTAFLVYGAPGFSKDNNSIITRKEFQEGLKIFFPGVSEFGKESILFHYTDWVDDQRPENYREALGDVVGDYNFIC
PALEFTKKFSEWGNNAFFYYFEHRSSKLPWPEWMGVMHGYEIEFVFGLPLERRDQYTKAEEILSRSIVKRWANFAKYGNP
QETQNQSTSWPVFKSTEQKYLTLNTESTRIMTKLRAQQCRFWTSFFPKV
;
_entity_poly.pdbx_strand_id   A
#
# COMPACT_ATOMS: atom_id res chain seq x y z
N ILE A 4 18.91 -25.59 7.01
CA ILE A 4 17.97 -25.01 7.96
C ILE A 4 18.56 -23.72 8.56
N ILE A 5 19.87 -23.54 8.42
CA ILE A 5 20.57 -22.33 8.83
C ILE A 5 21.26 -21.73 7.62
N ILE A 6 21.03 -20.43 7.37
CA ILE A 6 21.51 -19.75 6.17
C ILE A 6 22.54 -18.71 6.59
N ALA A 7 23.64 -18.65 5.85
CA ALA A 7 24.72 -17.71 6.12
C ALA A 7 24.54 -16.49 5.23
N THR A 8 24.17 -15.37 5.83
CA THR A 8 23.99 -14.11 5.12
C THR A 8 25.26 -13.27 5.19
N LYS A 9 25.30 -12.22 4.38
CA LYS A 9 26.54 -11.47 4.22
C LYS A 9 26.82 -10.57 5.42
N ASN A 10 25.99 -10.62 6.46
CA ASN A 10 26.30 -9.93 7.70
C ASN A 10 26.07 -10.79 8.93
N GLY A 11 25.57 -12.01 8.76
CA GLY A 11 25.41 -12.89 9.90
C GLY A 11 24.74 -14.17 9.46
N LYS A 12 24.36 -14.98 10.45
CA LYS A 12 23.82 -16.32 10.23
C LYS A 12 22.44 -16.38 10.86
N VAL A 13 21.45 -16.80 10.09
CA VAL A 13 20.08 -16.81 10.58
C VAL A 13 19.53 -18.22 10.52
N ARG A 14 18.69 -18.55 11.50
CA ARG A 14 17.99 -19.82 11.55
C ARG A 14 16.50 -19.57 11.35
N GLY A 15 15.83 -20.48 10.65
CA GLY A 15 14.41 -20.36 10.43
C GLY A 15 13.60 -21.52 10.96
N MET A 16 12.40 -21.70 10.43
CA MET A 16 11.50 -22.74 10.91
C MET A 16 10.75 -23.35 9.72
N GLN A 17 10.33 -24.60 9.89
CA GLN A 17 9.63 -25.33 8.84
C GLN A 17 8.14 -25.28 9.10
N LEU A 18 7.37 -25.08 8.03
CA LEU A 18 5.91 -25.02 8.11
C LEU A 18 5.33 -26.03 7.15
N THR A 19 4.29 -26.73 7.56
CA THR A 19 3.62 -27.68 6.69
C THR A 19 2.39 -27.00 6.09
N VAL A 20 2.39 -26.88 4.77
CA VAL A 20 1.32 -26.26 3.99
C VAL A 20 0.97 -27.20 2.86
N PHE A 21 -0.32 -27.56 2.76
CA PHE A 21 -0.83 -28.34 1.63
C PHE A 21 -0.01 -29.60 1.41
N GLY A 22 0.30 -30.31 2.50
CA GLY A 22 1.12 -31.49 2.37
C GLY A 22 2.51 -31.25 1.81
N GLY A 23 3.06 -30.06 2.06
CA GLY A 23 4.43 -29.76 1.71
C GLY A 23 5.08 -28.96 2.83
N THR A 24 6.30 -28.50 2.57
CA THR A 24 7.02 -27.71 3.57
C THR A 24 7.47 -26.39 2.96
N VAL A 25 7.35 -25.33 3.76
CA VAL A 25 7.84 -24.00 3.43
C VAL A 25 8.75 -23.55 4.56
N THR A 26 9.95 -23.09 4.21
CA THR A 26 10.89 -22.57 5.19
C THR A 26 10.62 -21.08 5.39
N ALA A 27 10.27 -20.68 6.60
CA ALA A 27 9.96 -19.30 6.93
C ALA A 27 11.08 -18.72 7.80
N PHE A 28 11.57 -17.56 7.40
CA PHE A 28 12.51 -16.78 8.20
C PHE A 28 11.75 -15.51 8.59
N LEU A 29 11.29 -15.47 9.85
CA LEU A 29 10.49 -14.36 10.33
C LEU A 29 11.37 -13.41 11.11
N GLY A 30 11.29 -12.12 10.78
CA GLY A 30 11.94 -11.10 11.57
C GLY A 30 13.45 -11.09 11.50
N ILE A 31 13.99 -10.69 10.36
CA ILE A 31 15.43 -10.54 10.15
C ILE A 31 15.73 -9.06 10.06
N PRO A 32 16.63 -8.52 10.87
CA PRO A 32 16.91 -7.07 10.84
C PRO A 32 17.70 -6.69 9.60
N TYR A 33 17.36 -5.53 9.03
CA TYR A 33 18.09 -5.05 7.88
C TYR A 33 18.72 -3.68 8.11
N ALA A 34 18.71 -3.18 9.34
CA ALA A 34 19.26 -1.87 9.64
C ALA A 34 19.51 -1.78 11.14
N GLN A 35 20.45 -0.91 11.51
CA GLN A 35 20.57 -0.55 12.92
C GLN A 35 19.27 0.09 13.38
N PRO A 36 18.76 -0.27 14.54
CA PRO A 36 17.47 0.26 14.98
C PRO A 36 17.53 1.77 15.10
N PRO A 37 16.53 2.47 14.57
CA PRO A 37 16.54 3.94 14.54
C PRO A 37 16.09 4.54 15.87
N LEU A 38 16.84 4.22 16.92
CA LEU A 38 16.57 4.68 18.27
C LEU A 38 17.54 5.78 18.67
N GLY A 39 17.15 6.53 19.69
CA GLY A 39 18.02 7.53 20.29
C GLY A 39 18.39 8.59 19.28
N ARG A 40 19.69 8.75 19.06
CA ARG A 40 20.17 9.75 18.11
C ARG A 40 19.71 9.46 16.68
N LEU A 41 19.46 8.18 16.36
CA LEU A 41 19.09 7.81 14.99
C LEU A 41 17.62 8.02 14.67
N ARG A 42 16.79 8.37 15.65
CA ARG A 42 15.38 8.63 15.36
C ARG A 42 15.24 9.74 14.32
N PHE A 43 14.33 9.54 13.38
CA PHE A 43 13.93 10.49 12.32
C PHE A 43 14.87 10.55 11.10
N LYS A 44 15.98 9.84 11.08
CA LYS A 44 16.84 9.94 9.91
C LYS A 44 16.88 8.61 9.15
N LYS A 45 17.58 8.67 8.02
CA LYS A 45 17.73 7.54 7.12
C LYS A 45 18.30 6.34 7.86
N PRO A 46 17.89 5.12 7.48
CA PRO A 46 18.40 3.93 8.17
C PRO A 46 19.89 3.76 7.92
N GLN A 47 20.60 3.27 8.93
CA GLN A 47 22.04 3.11 8.88
C GLN A 47 22.40 1.64 8.70
N SER A 48 23.59 1.42 8.12
CA SER A 48 24.03 0.08 7.74
C SER A 48 24.18 -0.82 8.96
N LEU A 49 23.42 -1.90 8.99
CA LEU A 49 23.53 -2.83 10.11
C LEU A 49 24.90 -3.49 10.10
N THR A 50 25.60 -3.43 11.23
CA THR A 50 26.94 -3.98 11.29
C THR A 50 26.90 -5.48 11.57
N LYS A 51 28.05 -6.12 11.41
CA LYS A 51 28.16 -7.57 11.47
C LYS A 51 27.78 -8.10 12.85
N TRP A 52 27.36 -9.37 12.89
CA TRP A 52 27.08 -10.04 14.15
C TRP A 52 27.69 -11.44 14.13
N SER A 53 27.73 -12.05 15.32
CA SER A 53 28.42 -13.30 15.56
C SER A 53 27.50 -14.48 15.83
N ASP A 54 26.36 -14.27 16.47
CA ASP A 54 25.52 -15.38 16.91
C ASP A 54 24.77 -16.00 15.72
N ILE A 55 23.98 -17.03 16.00
CA ILE A 55 23.01 -17.55 15.04
C ILE A 55 21.68 -16.87 15.37
N TRP A 56 21.28 -15.92 14.53
CA TRP A 56 20.03 -15.20 14.75
C TRP A 56 18.84 -16.15 14.62
N ASN A 57 17.95 -16.10 15.61
CA ASN A 57 16.81 -17.02 15.64
C ASN A 57 15.58 -16.30 15.06
N ALA A 58 15.50 -16.32 13.73
CA ALA A 58 14.41 -15.63 13.03
C ALA A 58 13.21 -16.55 12.89
N THR A 59 12.57 -16.82 14.03
CA THR A 59 11.46 -17.77 14.12
C THR A 59 10.16 -17.13 14.59
N LYS A 60 10.07 -15.80 14.61
CA LYS A 60 8.86 -15.11 15.01
C LYS A 60 8.87 -13.70 14.45
N TYR A 61 7.69 -13.23 14.03
CA TYR A 61 7.56 -11.85 13.59
C TYR A 61 8.20 -10.90 14.59
N ALA A 62 8.87 -9.87 14.07
CA ALA A 62 9.53 -8.92 14.94
C ALA A 62 8.54 -7.80 15.30
N ASN A 63 9.03 -6.82 16.05
CA ASN A 63 8.21 -5.69 16.46
C ASN A 63 7.69 -4.92 15.25
N SER A 64 6.44 -4.47 15.36
CA SER A 64 5.90 -3.52 14.39
C SER A 64 6.33 -2.11 14.78
N CYS A 65 6.44 -1.24 13.79
CA CYS A 65 6.82 0.14 14.07
C CYS A 65 5.68 0.86 14.80
N CYS A 66 6.06 1.90 15.55
CA CYS A 66 5.13 2.67 16.36
C CYS A 66 4.04 3.25 15.47
N GLN A 67 2.81 3.30 15.97
CA GLN A 67 1.69 3.75 15.14
C GLN A 67 0.42 3.84 15.98
N ASN A 68 -0.43 4.81 15.61
CA ASN A 68 -1.76 4.88 16.17
C ASN A 68 -2.61 3.72 15.67
N ILE A 69 -3.58 3.32 16.48
CA ILE A 69 -4.40 2.15 16.21
C ILE A 69 -5.82 2.61 15.86
N ASP A 70 -6.43 1.96 14.89
CA ASP A 70 -7.86 2.16 14.65
C ASP A 70 -8.65 1.60 15.83
N GLN A 71 -9.27 2.49 16.62
CA GLN A 71 -10.10 2.13 17.76
C GLN A 71 -11.57 2.42 17.55
N SER A 72 -11.99 2.71 16.31
CA SER A 72 -13.37 3.07 16.04
C SER A 72 -14.33 1.88 16.09
N PHE A 73 -13.86 0.65 16.09
CA PHE A 73 -14.73 -0.52 16.16
C PHE A 73 -14.10 -1.61 17.02
N PRO A 74 -13.97 -1.36 18.32
CA PRO A 74 -13.29 -2.33 19.19
C PRO A 74 -14.03 -3.65 19.20
N GLY A 75 -13.27 -4.73 19.01
CA GLY A 75 -13.82 -6.06 18.97
C GLY A 75 -14.35 -6.50 17.61
N PHE A 76 -14.27 -5.65 16.59
CA PHE A 76 -14.81 -5.93 15.27
C PHE A 76 -13.70 -6.38 14.33
N HIS A 77 -13.83 -7.59 13.77
CA HIS A 77 -12.74 -8.14 12.97
C HIS A 77 -12.48 -7.32 11.72
N GLY A 78 -13.52 -6.71 11.13
CA GLY A 78 -13.32 -5.90 9.95
C GLY A 78 -12.34 -4.77 10.15
N SER A 79 -12.33 -4.17 11.34
CA SER A 79 -11.37 -3.13 11.65
C SER A 79 -10.09 -3.70 12.23
N GLU A 80 -10.19 -4.60 13.21
CA GLU A 80 -9.01 -5.00 13.96
C GLU A 80 -8.11 -5.95 13.18
N MET A 81 -8.66 -6.59 12.14
CA MET A 81 -7.85 -7.27 11.13
C MET A 81 -6.62 -6.48 10.74
N TRP A 82 -6.76 -5.16 10.60
CA TRP A 82 -5.68 -4.32 10.10
C TRP A 82 -4.75 -3.81 11.20
N ASN A 83 -5.17 -3.85 12.46
CA ASN A 83 -4.32 -3.35 13.53
C ASN A 83 -3.14 -4.29 13.77
N PRO A 84 -2.00 -3.76 14.23
CA PRO A 84 -0.79 -4.58 14.35
C PRO A 84 -0.98 -5.73 15.32
N ASN A 85 -0.30 -6.84 15.01
CA ASN A 85 -0.43 -8.05 15.81
C ASN A 85 0.92 -8.49 16.38
N THR A 86 1.85 -7.54 16.53
CA THR A 86 3.01 -7.70 17.38
C THR A 86 3.23 -6.40 18.13
N ASP A 87 4.11 -6.47 19.13
CA ASP A 87 4.50 -5.30 19.91
C ASP A 87 4.93 -4.14 19.02
N LEU A 88 4.51 -2.93 19.39
CA LEU A 88 5.05 -1.74 18.76
C LEU A 88 6.38 -1.37 19.40
N SER A 89 7.22 -0.73 18.62
CA SER A 89 8.55 -0.36 19.09
C SER A 89 9.22 0.47 18.00
N GLU A 90 10.04 1.43 18.43
CA GLU A 90 10.87 2.12 17.45
C GLU A 90 11.89 1.19 16.81
N ASP A 91 12.18 0.05 17.44
CA ASP A 91 13.12 -0.93 16.91
C ASP A 91 12.28 -1.93 16.13
N CYS A 92 12.10 -1.66 14.83
CA CYS A 92 11.17 -2.44 14.03
C CYS A 92 11.61 -2.69 12.60
N LEU A 93 12.82 -2.28 12.21
CA LEU A 93 13.25 -2.43 10.82
C LEU A 93 13.72 -3.87 10.60
N TYR A 94 12.74 -4.75 10.43
CA TYR A 94 13.00 -6.16 10.21
C TYR A 94 12.24 -6.61 8.97
N LEU A 95 12.55 -7.82 8.50
CA LEU A 95 11.95 -8.37 7.29
C LEU A 95 11.69 -9.86 7.45
N ASN A 96 10.94 -10.42 6.51
CA ASN A 96 10.61 -11.85 6.52
C ASN A 96 10.90 -12.46 5.16
N VAL A 97 11.20 -13.76 5.16
CA VAL A 97 11.56 -14.49 3.95
C VAL A 97 10.85 -15.83 3.99
N TRP A 98 10.07 -16.14 2.96
CA TRP A 98 9.47 -17.45 2.78
C TRP A 98 10.11 -18.10 1.57
N ILE A 99 10.82 -19.19 1.77
CA ILE A 99 11.42 -19.92 0.65
C ILE A 99 10.74 -21.28 0.51
N PRO A 100 10.62 -21.81 -0.71
CA PRO A 100 10.05 -23.14 -0.86
C PRO A 100 11.00 -24.20 -0.34
N ALA A 101 10.43 -25.29 0.15
CA ALA A 101 11.20 -26.46 0.50
C ALA A 101 10.84 -27.57 -0.46
N PRO A 102 11.83 -28.25 -1.06
CA PRO A 102 13.25 -28.00 -0.80
C PRO A 102 13.75 -26.73 -1.43
N LYS A 103 14.86 -26.22 -0.89
CA LYS A 103 15.39 -24.92 -1.29
C LYS A 103 15.49 -24.83 -2.81
N PRO A 104 14.95 -23.77 -3.42
CA PRO A 104 15.03 -23.64 -4.89
C PRO A 104 16.41 -23.24 -5.35
N LYS A 105 16.60 -23.11 -6.67
CA LYS A 105 17.88 -22.73 -7.25
C LYS A 105 17.91 -21.27 -7.69
N ASN A 106 16.98 -20.86 -8.56
CA ASN A 106 16.99 -19.50 -9.11
C ASN A 106 15.57 -18.93 -9.14
N ALA A 107 14.96 -18.82 -7.98
CA ALA A 107 13.53 -18.54 -7.86
C ALA A 107 13.24 -17.04 -7.94
N THR A 108 12.17 -16.71 -8.68
CA THR A 108 11.68 -15.34 -8.70
C THR A 108 11.28 -14.92 -7.29
N VAL A 109 11.67 -13.71 -6.91
CA VAL A 109 11.45 -13.18 -5.56
C VAL A 109 10.33 -12.17 -5.59
N LEU A 110 9.36 -12.30 -4.67
CA LEU A 110 8.29 -11.31 -4.54
C LEU A 110 8.47 -10.51 -3.25
N ILE A 111 8.58 -9.21 -3.38
CA ILE A 111 8.74 -8.31 -2.24
C ILE A 111 7.44 -7.53 -2.05
N TRP A 112 6.86 -7.69 -0.85
CA TRP A 112 5.57 -7.10 -0.50
C TRP A 112 5.77 -5.88 0.39
N ILE A 113 5.03 -4.82 0.08
CA ILE A 113 5.06 -3.57 0.83
C ILE A 113 3.64 -3.25 1.29
N TYR A 114 3.38 -3.30 2.59
CA TYR A 114 2.04 -3.10 3.12
C TYR A 114 1.57 -1.65 2.99
N GLY A 115 0.25 -1.47 3.03
CA GLY A 115 -0.35 -0.16 3.03
C GLY A 115 -0.76 0.29 4.42
N GLY A 116 -1.56 1.35 4.46
CA GLY A 116 -1.95 1.92 5.73
C GLY A 116 -1.78 3.43 5.77
N GLY A 117 -2.12 4.11 4.69
CA GLY A 117 -2.06 5.56 4.62
C GLY A 117 -0.73 6.18 5.04
N PHE A 118 0.36 5.41 5.01
CA PHE A 118 1.68 5.81 5.50
C PHE A 118 1.70 6.08 7.00
N GLN A 119 0.65 5.72 7.72
CA GLN A 119 0.62 5.93 9.15
C GLN A 119 0.45 4.63 9.92
N THR A 120 0.08 3.54 9.25
CA THR A 120 -0.29 2.31 9.94
C THR A 120 0.37 1.17 9.17
N GLY A 121 0.04 -0.05 9.55
CA GLY A 121 0.40 -1.22 8.78
C GLY A 121 1.60 -1.94 9.37
N THR A 122 1.67 -3.23 9.08
CA THR A 122 2.79 -4.07 9.51
C THR A 122 2.78 -5.32 8.64
N SER A 123 3.97 -5.89 8.43
CA SER A 123 4.08 -7.10 7.63
C SER A 123 3.57 -8.33 8.37
N SER A 124 3.46 -8.27 9.70
CA SER A 124 3.05 -9.42 10.49
C SER A 124 1.62 -9.86 10.20
N LEU A 125 0.86 -9.13 9.38
CA LEU A 125 -0.59 -9.34 9.28
C LEU A 125 -0.92 -10.71 8.72
N HIS A 126 -2.04 -11.26 9.21
CA HIS A 126 -2.51 -12.58 8.76
C HIS A 126 -2.64 -12.64 7.25
N VAL A 127 -3.17 -11.58 6.63
CA VAL A 127 -3.43 -11.61 5.20
C VAL A 127 -2.22 -11.23 4.36
N TYR A 128 -1.03 -11.18 4.98
CA TYR A 128 0.22 -11.02 4.25
C TYR A 128 1.13 -12.26 4.38
N ASP A 129 0.61 -13.36 4.90
CA ASP A 129 1.43 -14.57 5.05
C ASP A 129 1.84 -15.07 3.67
N GLY A 130 3.15 -15.14 3.43
CA GLY A 130 3.65 -15.56 2.14
C GLY A 130 3.97 -17.04 2.04
N LYS A 131 3.47 -17.85 2.98
CA LYS A 131 3.76 -19.28 2.91
C LYS A 131 2.96 -19.94 1.79
N PHE A 132 1.71 -19.54 1.59
CA PHE A 132 0.93 -20.10 0.50
C PHE A 132 1.62 -19.86 -0.84
N LEU A 133 2.03 -18.61 -1.09
CA LEU A 133 2.66 -18.26 -2.36
C LEU A 133 3.94 -19.07 -2.58
N ALA A 134 4.75 -19.21 -1.53
CA ALA A 134 5.96 -20.01 -1.66
C ALA A 134 5.65 -21.47 -1.98
N ARG A 135 4.59 -22.03 -1.39
CA ARG A 135 4.24 -23.43 -1.64
C ARG A 135 3.70 -23.64 -3.05
N VAL A 136 2.64 -22.89 -3.41
CA VAL A 136 1.91 -23.15 -4.64
C VAL A 136 2.75 -22.82 -5.87
N GLU A 137 3.46 -21.67 -5.84
CA GLU A 137 4.17 -21.17 -7.01
C GLU A 137 5.69 -21.22 -6.88
N ARG A 138 6.20 -21.77 -5.77
CA ARG A 138 7.63 -21.85 -5.45
C ARG A 138 8.40 -20.59 -5.87
N VAL A 139 7.82 -19.44 -5.59
CA VAL A 139 8.52 -18.18 -5.54
C VAL A 139 8.94 -17.94 -4.09
N ILE A 140 9.92 -17.06 -3.92
CA ILE A 140 10.34 -16.62 -2.59
C ILE A 140 9.64 -15.31 -2.28
N VAL A 141 8.95 -15.23 -1.14
CA VAL A 141 8.21 -14.05 -0.73
C VAL A 141 8.95 -13.33 0.38
N VAL A 142 9.09 -12.01 0.24
CA VAL A 142 9.73 -11.16 1.23
C VAL A 142 8.77 -10.02 1.58
N SER A 143 8.73 -9.64 2.86
CA SER A 143 8.03 -8.42 3.26
C SER A 143 8.81 -7.76 4.41
N MET A 144 8.73 -6.43 4.47
CA MET A 144 9.53 -5.66 5.42
C MET A 144 8.66 -4.69 6.21
N ASN A 145 9.13 -4.33 7.40
CA ASN A 145 8.50 -3.28 8.17
C ASN A 145 9.24 -1.97 7.90
N TYR A 146 8.49 -0.93 7.58
CA TYR A 146 9.05 0.39 7.37
C TYR A 146 8.35 1.37 8.31
N ARG A 147 9.12 2.35 8.78
CA ARG A 147 8.57 3.36 9.67
C ARG A 147 7.45 4.14 8.98
N VAL A 148 6.38 4.39 9.72
CA VAL A 148 5.22 5.11 9.23
C VAL A 148 4.92 6.27 10.18
N GLY A 149 3.97 7.11 9.77
CA GLY A 149 3.71 8.32 10.49
C GLY A 149 4.96 9.18 10.58
N ALA A 150 4.93 10.08 11.56
CA ALA A 150 5.98 11.09 11.69
C ALA A 150 7.34 10.47 11.96
N LEU A 151 7.39 9.37 12.73
CA LEU A 151 8.68 8.75 12.97
C LEU A 151 9.36 8.32 11.68
N GLY A 152 8.59 8.15 10.61
CA GLY A 152 9.10 7.73 9.32
C GLY A 152 9.01 8.75 8.18
N PHE A 153 8.22 9.82 8.35
CA PHE A 153 8.04 10.77 7.26
C PHE A 153 8.06 12.23 7.71
N LEU A 154 8.41 12.51 8.95
CA LEU A 154 8.66 13.89 9.35
C LEU A 154 9.70 14.49 8.41
N ALA A 155 9.47 15.73 7.98
CA ALA A 155 10.35 16.34 6.98
C ALA A 155 10.68 17.78 7.32
N LEU A 156 11.96 18.04 7.51
CA LEU A 156 12.54 19.37 7.30
C LEU A 156 13.45 19.28 6.09
N PRO A 157 13.01 19.70 4.91
CA PRO A 157 13.74 19.35 3.68
C PRO A 157 15.17 19.89 3.69
N GLY A 158 16.11 19.02 3.34
CA GLY A 158 17.52 19.36 3.38
C GLY A 158 18.21 18.84 4.62
N ASN A 159 17.55 18.97 5.76
CA ASN A 159 18.10 18.63 7.08
C ASN A 159 18.31 17.13 7.23
N PRO A 160 19.55 16.63 7.29
CA PRO A 160 19.75 15.17 7.49
C PRO A 160 19.18 14.66 8.81
N GLU A 161 19.00 15.54 9.80
CA GLU A 161 18.41 15.10 11.05
C GLU A 161 16.95 14.69 10.87
N ALA A 162 16.29 15.16 9.82
CA ALA A 162 14.92 14.79 9.49
C ALA A 162 14.62 15.14 8.04
N PRO A 163 15.22 14.42 7.08
CA PRO A 163 15.06 14.81 5.67
C PRO A 163 13.73 14.44 5.05
N GLY A 164 12.99 13.50 5.63
CA GLY A 164 11.77 13.01 5.02
C GLY A 164 11.99 11.68 4.32
N ASN A 165 10.88 11.01 4.01
CA ASN A 165 10.89 9.76 3.27
C ASN A 165 11.70 8.66 3.95
N MET A 166 11.96 8.77 5.25
CA MET A 166 12.76 7.76 5.93
C MET A 166 12.16 6.37 5.77
N GLY A 167 10.84 6.25 5.88
CA GLY A 167 10.20 4.95 5.72
C GLY A 167 10.36 4.41 4.32
N LEU A 168 10.34 5.29 3.30
CA LEU A 168 10.70 4.88 1.96
C LEU A 168 12.15 4.39 1.92
N PHE A 169 13.06 5.12 2.54
CA PHE A 169 14.45 4.66 2.58
C PHE A 169 14.58 3.37 3.39
N ASP A 170 13.73 3.19 4.41
CA ASP A 170 13.64 1.87 5.06
C ASP A 170 13.34 0.79 4.03
N GLN A 171 12.21 0.92 3.33
CA GLN A 171 11.89 0.02 2.23
C GLN A 171 13.11 -0.20 1.33
N GLN A 172 13.78 0.87 0.93
CA GLN A 172 14.82 0.73 -0.07
C GLN A 172 15.99 -0.10 0.46
N LEU A 173 16.35 0.10 1.72
CA LEU A 173 17.43 -0.69 2.31
C LEU A 173 17.05 -2.16 2.38
N ALA A 174 15.77 -2.47 2.53
CA ALA A 174 15.36 -3.87 2.46
C ALA A 174 15.55 -4.42 1.05
N LEU A 175 15.23 -3.64 0.03
CA LEU A 175 15.44 -4.11 -1.34
C LEU A 175 16.92 -4.43 -1.56
N GLN A 176 17.80 -3.58 -1.01
CA GLN A 176 19.23 -3.80 -1.09
C GLN A 176 19.63 -5.08 -0.37
N TRP A 177 19.00 -5.37 0.78
CA TRP A 177 19.30 -6.61 1.51
C TRP A 177 18.96 -7.84 0.67
N VAL A 178 17.85 -7.78 -0.06
CA VAL A 178 17.52 -8.89 -0.95
C VAL A 178 18.57 -9.03 -2.04
N GLN A 179 19.06 -7.90 -2.58
CA GLN A 179 20.07 -7.97 -3.63
C GLN A 179 21.32 -8.70 -3.17
N LYS A 180 21.75 -8.48 -1.92
CA LYS A 180 22.97 -9.09 -1.42
C LYS A 180 22.77 -10.48 -0.83
N ASN A 181 21.61 -10.77 -0.24
CA ASN A 181 21.47 -11.98 0.54
C ASN A 181 20.49 -13.00 0.00
N ILE A 182 19.60 -12.64 -0.93
CA ILE A 182 18.58 -13.58 -1.38
C ILE A 182 19.15 -14.72 -2.22
N ALA A 183 20.40 -14.60 -2.68
CA ALA A 183 21.01 -15.71 -3.39
C ALA A 183 21.20 -16.90 -2.46
N ALA A 184 21.69 -16.66 -1.24
CA ALA A 184 21.91 -17.74 -0.29
C ALA A 184 20.63 -18.49 0.05
N PHE A 185 19.47 -17.84 -0.09
CA PHE A 185 18.17 -18.47 0.06
C PHE A 185 17.67 -19.15 -1.21
N GLY A 186 18.47 -19.18 -2.28
CA GLY A 186 18.02 -19.77 -3.53
C GLY A 186 17.16 -18.87 -4.38
N GLY A 187 17.34 -17.55 -4.27
CA GLY A 187 16.51 -16.60 -4.97
C GLY A 187 17.28 -15.84 -6.03
N ASN A 188 16.56 -15.32 -7.03
CA ASN A 188 17.19 -14.65 -8.14
C ASN A 188 17.14 -13.13 -7.97
N PRO A 189 18.23 -12.48 -7.57
CA PRO A 189 18.21 -11.01 -7.47
C PRO A 189 17.97 -10.29 -8.79
N LYS A 190 18.09 -11.00 -9.92
CA LYS A 190 17.81 -10.42 -11.22
C LYS A 190 16.36 -10.61 -11.63
N SER A 191 15.52 -11.21 -10.77
CA SER A 191 14.10 -11.36 -11.04
C SER A 191 13.34 -11.11 -9.73
N VAL A 192 13.06 -9.84 -9.48
CA VAL A 192 12.46 -9.37 -8.23
C VAL A 192 11.28 -8.49 -8.58
N THR A 193 10.11 -8.84 -8.08
CA THR A 193 8.88 -8.11 -8.37
C THR A 193 8.40 -7.46 -7.09
N LEU A 194 8.33 -6.13 -7.06
CA LEU A 194 7.69 -5.46 -5.95
C LEU A 194 6.18 -5.52 -6.13
N PHE A 195 5.46 -5.83 -5.05
CA PHE A 195 4.03 -5.56 -5.03
C PHE A 195 3.59 -5.04 -3.66
N GLY A 196 2.56 -4.19 -3.67
CA GLY A 196 2.01 -3.58 -2.48
C GLY A 196 0.59 -3.10 -2.72
N GLU A 197 -0.05 -2.63 -1.64
CA GLU A 197 -1.46 -2.25 -1.70
C GLU A 197 -1.71 -0.88 -1.08
N SER A 198 -2.54 -0.09 -1.78
CA SER A 198 -2.79 1.31 -1.47
C SER A 198 -1.50 2.06 -1.16
N ALA A 199 -1.33 2.52 0.08
CA ALA A 199 -0.10 3.22 0.45
C ALA A 199 1.14 2.43 0.04
N GLY A 200 1.09 1.10 0.22
CA GLY A 200 2.15 0.26 -0.33
C GLY A 200 2.26 0.35 -1.83
N ALA A 201 1.11 0.42 -2.53
CA ALA A 201 1.14 0.54 -3.98
C ALA A 201 1.71 1.88 -4.42
N ALA A 202 1.30 2.96 -3.75
CA ALA A 202 1.96 4.24 -3.98
C ALA A 202 3.47 4.12 -3.78
N SER A 203 3.91 3.39 -2.75
CA SER A 203 5.35 3.26 -2.55
C SER A 203 6.01 2.52 -3.70
N VAL A 204 5.32 1.52 -4.24
CA VAL A 204 5.83 0.81 -5.40
C VAL A 204 6.04 1.77 -6.55
N SER A 205 5.04 2.59 -6.84
CA SER A 205 5.19 3.53 -7.95
C SER A 205 6.27 4.55 -7.68
N LEU A 206 6.53 4.87 -6.41
CA LEU A 206 7.57 5.84 -6.09
C LEU A 206 8.96 5.24 -6.26
N HIS A 207 9.11 3.96 -5.95
CA HIS A 207 10.34 3.25 -6.26
C HIS A 207 10.58 3.16 -7.76
N LEU A 208 9.52 3.29 -8.57
CA LEU A 208 9.71 3.38 -10.01
C LEU A 208 10.30 4.73 -10.41
N LEU A 209 9.97 5.80 -9.71
CA LEU A 209 10.53 7.10 -10.04
C LEU A 209 11.92 7.29 -9.44
N SER A 210 12.19 6.67 -8.29
CA SER A 210 13.36 7.04 -7.53
C SER A 210 14.57 6.40 -8.17
N PRO A 211 15.57 7.16 -8.59
CA PRO A 211 16.73 6.54 -9.25
C PRO A 211 17.42 5.52 -8.37
N GLY A 212 17.52 5.78 -7.06
CA GLY A 212 18.24 4.89 -6.17
C GLY A 212 17.68 3.50 -6.06
N SER A 213 16.43 3.30 -6.50
CA SER A 213 15.81 1.98 -6.45
C SER A 213 15.77 1.27 -7.79
N HIS A 214 16.25 1.93 -8.86
N HIS A 214 16.25 1.91 -8.86
CA HIS A 214 16.17 1.37 -10.21
CA HIS A 214 16.09 1.32 -10.18
C HIS A 214 16.85 0.01 -10.33
C HIS A 214 16.83 -0.02 -10.31
N SER A 215 17.95 -0.18 -9.60
CA SER A 215 18.77 -1.37 -9.73
C SER A 215 18.39 -2.47 -8.74
N LEU A 216 17.29 -2.30 -7.98
CA LEU A 216 16.93 -3.19 -6.88
C LEU A 216 15.71 -4.06 -7.16
N PHE A 217 15.03 -3.87 -8.28
CA PHE A 217 13.91 -4.73 -8.64
C PHE A 217 13.75 -4.71 -10.16
N THR A 218 12.95 -5.64 -10.67
CA THR A 218 12.73 -5.72 -12.12
C THR A 218 11.35 -5.25 -12.54
N ARG A 219 10.30 -5.69 -11.84
CA ARG A 219 8.92 -5.39 -12.22
C ARG A 219 8.14 -4.90 -11.00
N ALA A 220 6.88 -4.54 -11.23
CA ALA A 220 6.09 -3.88 -10.20
C ALA A 220 4.59 -4.19 -10.34
N ILE A 221 3.94 -4.39 -9.21
CA ILE A 221 2.48 -4.57 -9.16
C ILE A 221 1.90 -3.55 -8.20
N LEU A 222 0.84 -2.86 -8.61
CA LEU A 222 0.22 -1.80 -7.80
C LEU A 222 -1.25 -2.12 -7.56
N GLN A 223 -1.62 -2.34 -6.30
CA GLN A 223 -2.98 -2.68 -5.93
C GLN A 223 -3.64 -1.52 -5.20
N SER A 224 -4.66 -0.93 -5.84
CA SER A 224 -5.40 0.18 -5.24
C SER A 224 -4.49 1.33 -4.77
N GLY A 225 -3.55 1.74 -5.60
CA GLY A 225 -2.69 2.85 -5.17
C GLY A 225 -1.65 3.27 -6.19
N SER A 226 -1.31 4.55 -6.18
CA SER A 226 -0.24 5.09 -7.01
C SER A 226 0.13 6.45 -6.45
N PHE A 227 1.30 6.96 -6.85
CA PHE A 227 1.79 8.21 -6.28
C PHE A 227 0.96 9.42 -6.73
N ASN A 228 0.35 9.37 -7.92
CA ASN A 228 -0.46 10.49 -8.37
C ASN A 228 -1.80 10.56 -7.67
N ALA A 229 -1.98 9.83 -6.57
CA ALA A 229 -3.23 9.94 -5.83
C ALA A 229 -3.18 11.14 -4.88
N PRO A 230 -4.32 11.81 -4.66
CA PRO A 230 -4.27 13.07 -3.91
C PRO A 230 -3.71 12.94 -2.51
N TRP A 231 -3.81 11.77 -1.89
CA TRP A 231 -3.27 11.55 -0.55
C TRP A 231 -1.81 11.08 -0.57
N ALA A 232 -1.23 10.86 -1.76
CA ALA A 232 0.01 10.09 -1.85
C ALA A 232 1.25 10.90 -1.46
N VAL A 233 1.41 12.11 -1.99
CA VAL A 233 2.60 12.89 -1.70
C VAL A 233 2.17 14.16 -0.98
N THR A 234 2.86 14.45 0.12
CA THR A 234 2.68 15.68 0.88
C THR A 234 3.52 16.79 0.26
N SER A 235 2.98 17.99 0.21
CA SER A 235 3.74 19.14 -0.24
C SER A 235 4.89 19.42 0.74
N LEU A 236 5.80 20.31 0.34
CA LEU A 236 6.77 20.81 1.30
C LEU A 236 6.23 21.99 2.08
N TYR A 237 5.27 22.72 1.47
CA TYR A 237 4.53 23.75 2.18
C TYR A 237 3.85 23.17 3.42
N GLU A 238 2.90 22.25 3.20
CA GLU A 238 2.21 21.70 4.35
C GLU A 238 3.10 20.79 5.18
N ALA A 239 4.16 20.21 4.62
CA ALA A 239 5.03 19.36 5.41
C ALA A 239 5.62 20.10 6.58
N ARG A 240 6.34 21.20 6.31
CA ARG A 240 6.98 21.93 7.38
C ARG A 240 5.96 22.59 8.30
N ASN A 241 4.82 23.05 7.75
CA ASN A 241 3.75 23.51 8.62
C ASN A 241 3.37 22.43 9.62
N ARG A 242 3.43 21.17 9.17
CA ARG A 242 3.03 20.05 9.99
C ARG A 242 4.09 19.65 11.01
N THR A 243 5.36 19.97 10.77
CA THR A 243 6.39 19.63 11.73
C THR A 243 6.40 20.58 12.93
N LEU A 244 6.32 21.90 12.70
CA LEU A 244 6.37 22.83 13.85
C LEU A 244 5.05 22.80 14.62
N ASN A 245 3.93 22.64 13.92
CA ASN A 245 2.66 22.34 14.59
C ASN A 245 2.83 21.17 15.54
N LEU A 246 3.62 20.16 15.12
CA LEU A 246 3.98 19.09 16.02
C LEU A 246 5.01 19.54 17.05
N ALA A 247 5.83 20.54 16.74
CA ALA A 247 6.80 21.03 17.72
C ALA A 247 6.15 21.92 18.77
N LYS A 248 5.27 22.84 18.36
CA LYS A 248 4.56 23.63 19.37
C LYS A 248 3.68 22.75 20.23
N LEU A 249 3.10 21.69 19.64
CA LEU A 249 2.28 20.78 20.43
C LEU A 249 3.12 20.00 21.42
N THR A 250 4.40 19.79 21.14
CA THR A 250 5.32 19.12 22.05
C THR A 250 6.18 20.10 22.82
N GLY A 251 5.91 21.40 22.69
CA GLY A 251 6.74 22.37 23.37
C GLY A 251 8.17 22.41 22.89
N CYS A 252 8.43 21.91 21.68
CA CYS A 252 9.77 21.91 21.10
C CYS A 252 9.97 23.02 20.10
N SER A 253 9.15 24.07 20.17
CA SER A 253 9.35 25.19 19.26
C SER A 253 10.67 25.87 19.60
N ARG A 254 11.63 25.76 18.69
CA ARG A 254 12.82 26.58 18.76
C ARG A 254 12.92 27.42 17.50
N GLU A 255 14.12 27.85 17.10
CA GLU A 255 14.29 28.48 15.78
C GLU A 255 15.44 27.94 14.95
N ASN A 256 16.41 27.27 15.58
CA ASN A 256 17.51 26.49 14.97
C ASN A 256 16.91 25.11 14.67
N GLU A 257 16.54 24.82 13.42
CA GLU A 257 15.75 23.59 13.12
C GLU A 257 16.42 22.30 13.60
N THR A 258 17.75 22.27 13.68
CA THR A 258 18.44 21.08 14.18
C THR A 258 18.16 20.90 15.68
N GLU A 259 18.13 22.01 16.44
CA GLU A 259 17.89 21.90 17.87
C GLU A 259 16.42 21.61 18.20
N ILE A 260 15.50 21.91 17.28
CA ILE A 260 14.13 21.40 17.42
C ILE A 260 14.13 19.88 17.40
N ILE A 261 14.86 19.30 16.43
CA ILE A 261 14.89 17.84 16.29
C ILE A 261 15.40 17.19 17.56
N LYS A 262 16.50 17.71 18.12
CA LYS A 262 17.03 17.13 19.36
C LYS A 262 15.96 17.12 20.44
N CYS A 263 15.13 18.17 20.47
CA CYS A 263 14.02 18.19 21.42
C CYS A 263 13.00 17.11 21.10
N LEU A 264 12.71 16.91 19.82
CA LEU A 264 11.75 15.89 19.40
C LEU A 264 12.23 14.48 19.68
N ARG A 265 13.51 14.28 19.97
CA ARG A 265 14.04 12.94 20.19
C ARG A 265 13.95 12.48 21.63
N ASN A 266 13.98 13.40 22.59
CA ASN A 266 13.81 13.05 23.99
C ASN A 266 12.34 13.02 24.40
N LYS A 267 11.42 13.15 23.45
CA LYS A 267 10.01 12.87 23.69
C LYS A 267 9.73 11.40 23.42
N ASP A 268 9.02 10.75 24.33
CA ASP A 268 8.72 9.33 24.17
C ASP A 268 7.77 9.12 22.99
N PRO A 269 7.88 7.99 22.30
CA PRO A 269 7.08 7.78 21.08
C PRO A 269 5.59 8.01 21.25
N GLN A 270 5.03 7.76 22.44
CA GLN A 270 3.59 7.93 22.61
CA GLN A 270 3.59 7.92 22.62
C GLN A 270 3.18 9.38 22.48
N GLU A 271 4.02 10.31 22.95
CA GLU A 271 3.68 11.72 22.84
C GLU A 271 3.72 12.18 21.40
N ILE A 272 4.65 11.62 20.62
CA ILE A 272 4.70 11.95 19.21
C ILE A 272 3.46 11.41 18.50
N LEU A 273 3.06 10.17 18.84
CA LEU A 273 1.87 9.59 18.23
C LEU A 273 0.63 10.41 18.54
N LEU A 274 0.49 10.86 19.79
CA LEU A 274 -0.74 11.52 20.20
C LEU A 274 -0.98 12.81 19.45
N ASN A 275 0.08 13.60 19.24
CA ASN A 275 -0.07 14.89 18.60
C ASN A 275 -0.18 14.80 17.09
N GLU A 276 0.16 13.66 16.51
CA GLU A 276 0.09 13.50 15.05
C GLU A 276 -1.26 13.87 14.48
N ALA A 277 -2.35 13.62 15.21
CA ALA A 277 -3.67 13.79 14.63
C ALA A 277 -4.01 15.27 14.44
N PHE A 278 -3.78 16.07 15.48
CA PHE A 278 -4.16 17.47 15.50
C PHE A 278 -3.26 18.35 14.66
N VAL A 279 -2.35 17.75 13.88
CA VAL A 279 -1.39 18.54 13.13
C VAL A 279 -2.05 19.23 11.94
N VAL A 280 -3.04 18.60 11.32
CA VAL A 280 -3.84 19.26 10.28
C VAL A 280 -5.10 19.79 10.94
N PRO A 281 -5.55 21.01 10.60
CA PRO A 281 -6.75 21.56 11.26
C PRO A 281 -8.01 20.75 11.01
N TYR A 282 -8.32 20.45 9.75
CA TYR A 282 -9.51 19.72 9.37
C TYR A 282 -9.07 18.39 8.76
N GLY A 283 -9.10 17.33 9.55
CA GLY A 283 -8.68 16.04 9.08
C GLY A 283 -9.63 15.45 8.05
N THR A 284 -9.29 14.22 7.63
CA THR A 284 -10.05 13.46 6.63
C THR A 284 -9.88 11.99 6.96
N PRO A 285 -10.90 11.16 6.70
CA PRO A 285 -10.68 9.70 6.79
C PRO A 285 -9.44 9.21 6.04
N LEU A 286 -9.10 9.84 4.91
CA LEU A 286 -7.84 9.57 4.23
C LEU A 286 -6.88 10.73 4.43
N SER A 287 -6.46 10.98 5.66
CA SER A 287 -5.53 12.09 5.91
C SER A 287 -4.15 11.48 6.17
N VAL A 288 -3.27 11.64 5.20
CA VAL A 288 -1.88 11.25 5.35
C VAL A 288 -1.15 12.37 6.06
N ASN A 289 -1.20 12.36 7.40
CA ASN A 289 -0.62 13.45 8.17
C ASN A 289 0.88 13.55 7.97
N PHE A 290 1.56 12.41 7.79
CA PHE A 290 2.99 12.39 7.55
C PHE A 290 3.28 11.36 6.47
N GLY A 291 3.63 11.84 5.28
CA GLY A 291 3.84 10.96 4.14
C GLY A 291 5.02 11.33 3.27
N PRO A 292 5.05 10.76 2.07
CA PRO A 292 6.16 11.05 1.15
C PRO A 292 6.23 12.52 0.79
N THR A 293 7.46 13.02 0.67
CA THR A 293 7.70 14.38 0.25
C THR A 293 8.80 14.36 -0.81
N VAL A 294 8.89 15.45 -1.56
CA VAL A 294 10.00 15.64 -2.48
C VAL A 294 11.21 16.05 -1.66
N ASP A 295 11.92 15.06 -1.13
CA ASP A 295 13.07 15.32 -0.29
C ASP A 295 14.31 15.76 -1.09
N GLY A 296 14.30 15.59 -2.41
CA GLY A 296 15.49 15.82 -3.19
C GLY A 296 16.53 14.72 -3.10
N ASP A 297 16.31 13.69 -2.29
CA ASP A 297 17.21 12.55 -2.22
C ASP A 297 16.53 11.32 -2.81
N PHE A 298 15.49 10.81 -2.18
CA PHE A 298 14.75 9.69 -2.76
C PHE A 298 13.93 10.17 -3.95
N LEU A 299 13.14 11.21 -3.75
CA LEU A 299 12.29 11.77 -4.78
C LEU A 299 12.92 13.08 -5.21
N THR A 300 13.44 13.11 -6.43
CA THR A 300 14.21 14.28 -6.82
C THR A 300 13.38 15.41 -7.42
N ASP A 301 12.15 15.14 -7.88
CA ASP A 301 11.30 16.19 -8.39
C ASP A 301 9.85 15.89 -8.03
N MET A 302 8.96 16.80 -8.38
CA MET A 302 7.54 16.55 -8.18
C MET A 302 7.08 15.36 -9.03
N PRO A 303 6.56 14.30 -8.41
CA PRO A 303 6.42 13.04 -9.14
C PRO A 303 5.50 13.13 -10.35
N ASP A 304 4.51 14.01 -10.34
CA ASP A 304 3.66 14.15 -11.52
C ASP A 304 4.44 14.68 -12.71
N ILE A 305 5.50 15.44 -12.47
CA ILE A 305 6.36 15.90 -13.56
C ILE A 305 7.23 14.75 -14.07
N LEU A 306 7.82 13.99 -13.15
CA LEU A 306 8.60 12.82 -13.56
C LEU A 306 7.75 11.87 -14.37
N LEU A 307 6.52 11.62 -13.92
CA LEU A 307 5.59 10.76 -14.66
C LEU A 307 5.33 11.32 -16.05
N GLU A 308 4.77 12.54 -16.12
CA GLU A 308 4.44 13.16 -17.40
C GLU A 308 5.61 13.14 -18.39
N LEU A 309 6.84 13.33 -17.92
CA LEU A 309 7.99 13.41 -18.80
C LEU A 309 8.78 12.11 -18.86
N GLY A 310 8.18 11.00 -18.43
CA GLY A 310 8.77 9.69 -18.64
C GLY A 310 10.03 9.40 -17.84
N GLN A 311 10.13 9.94 -16.63
CA GLN A 311 11.36 9.81 -15.85
C GLN A 311 11.19 8.73 -14.77
N PHE A 312 11.18 7.48 -15.25
CA PHE A 312 10.97 6.33 -14.37
C PHE A 312 11.57 5.07 -15.00
N LYS A 313 11.65 4.02 -14.18
CA LYS A 313 12.21 2.75 -14.65
C LYS A 313 11.28 2.11 -15.68
N LYS A 314 11.82 1.81 -16.87
CA LYS A 314 11.04 1.22 -17.95
C LYS A 314 10.98 -0.29 -17.75
N THR A 315 9.78 -0.82 -17.48
CA THR A 315 9.56 -2.24 -17.21
C THR A 315 8.05 -2.46 -17.19
N GLN A 316 7.62 -3.65 -16.83
CA GLN A 316 6.21 -3.98 -16.91
C GLN A 316 5.56 -3.69 -15.57
N ILE A 317 4.37 -3.10 -15.63
CA ILE A 317 3.58 -2.87 -14.44
C ILE A 317 2.29 -3.67 -14.53
N LEU A 318 1.79 -4.07 -13.36
CA LEU A 318 0.45 -4.61 -13.18
C LEU A 318 -0.29 -3.71 -12.20
N VAL A 319 -1.36 -3.06 -12.67
CA VAL A 319 -2.11 -2.08 -11.89
C VAL A 319 -3.55 -2.56 -11.82
N GLY A 320 -4.23 -2.23 -10.73
CA GLY A 320 -5.64 -2.56 -10.60
C GLY A 320 -6.27 -1.91 -9.39
N VAL A 321 -7.59 -1.88 -9.41
CA VAL A 321 -8.41 -1.29 -8.34
C VAL A 321 -9.59 -2.23 -8.08
N ASN A 322 -10.31 -1.94 -7.00
CA ASN A 322 -11.50 -2.67 -6.61
C ASN A 322 -12.75 -1.86 -6.96
N LYS A 323 -13.88 -2.56 -7.08
CA LYS A 323 -15.12 -1.90 -7.50
C LYS A 323 -15.57 -0.84 -6.49
N ASP A 324 -15.46 -1.12 -5.19
CA ASP A 324 -15.99 -0.20 -4.19
C ASP A 324 -14.88 0.32 -3.29
N GLU A 325 -13.88 0.98 -3.90
CA GLU A 325 -12.76 1.50 -3.13
C GLU A 325 -13.20 2.47 -2.04
N GLY A 326 -14.25 3.27 -2.31
CA GLY A 326 -14.57 4.39 -1.44
C GLY A 326 -15.32 4.03 -0.18
N THR A 327 -16.16 3.01 -0.22
CA THR A 327 -17.11 2.74 0.87
C THR A 327 -16.41 2.64 2.23
N ALA A 328 -15.23 2.03 2.28
CA ALA A 328 -14.52 1.82 3.53
C ALA A 328 -14.39 3.08 4.38
N PHE A 329 -14.31 4.24 3.75
CA PHE A 329 -14.03 5.45 4.51
C PHE A 329 -15.30 6.18 4.95
N LEU A 330 -16.45 5.83 4.36
CA LEU A 330 -17.68 6.55 4.69
C LEU A 330 -18.10 6.36 6.14
N VAL A 331 -17.69 5.27 6.79
CA VAL A 331 -18.13 5.01 8.15
C VAL A 331 -17.09 5.50 9.16
N TYR A 332 -16.07 6.21 8.68
CA TYR A 332 -15.08 6.85 9.55
C TYR A 332 -15.32 8.36 9.69
N GLY A 333 -16.56 8.81 9.61
CA GLY A 333 -16.81 10.22 9.83
C GLY A 333 -17.99 10.79 9.06
N ALA A 334 -18.23 10.25 7.87
CA ALA A 334 -19.31 10.76 7.02
C ALA A 334 -20.65 10.64 7.74
N PRO A 335 -21.44 11.70 7.76
CA PRO A 335 -22.69 11.67 8.54
C PRO A 335 -23.74 10.79 7.86
N GLY A 336 -24.54 10.13 8.69
CA GLY A 336 -25.58 9.22 8.23
C GLY A 336 -25.10 7.83 7.90
N PHE A 337 -23.81 7.56 8.00
CA PHE A 337 -23.22 6.28 7.64
C PHE A 337 -22.94 5.44 8.88
N SER A 338 -23.18 4.13 8.76
CA SER A 338 -22.74 3.21 9.79
C SER A 338 -22.55 1.83 9.18
N LYS A 339 -21.72 1.03 9.82
CA LYS A 339 -21.57 -0.34 9.39
C LYS A 339 -22.74 -1.23 9.80
N ASP A 340 -23.67 -0.72 10.62
CA ASP A 340 -24.74 -1.53 11.21
C ASP A 340 -26.14 -1.22 10.68
N ASN A 341 -26.26 -0.32 9.70
CA ASN A 341 -27.52 -0.16 8.97
C ASN A 341 -27.22 0.07 7.50
N ASN A 342 -28.29 0.09 6.70
CA ASN A 342 -28.15 0.25 5.25
C ASN A 342 -27.62 1.62 4.83
N SER A 343 -27.44 2.55 5.78
CA SER A 343 -26.76 3.83 5.55
C SER A 343 -27.40 4.63 4.40
N ILE A 344 -28.72 4.61 4.34
CA ILE A 344 -29.44 5.41 3.34
C ILE A 344 -29.35 6.87 3.76
N ILE A 345 -28.65 7.67 2.97
CA ILE A 345 -28.51 9.08 3.28
C ILE A 345 -29.34 9.89 2.30
N THR A 346 -29.57 11.14 2.68
CA THR A 346 -30.33 12.08 1.88
C THR A 346 -29.38 13.02 1.14
N ARG A 347 -29.96 13.97 0.41
CA ARG A 347 -29.16 14.95 -0.32
C ARG A 347 -28.26 15.76 0.59
N LYS A 348 -28.74 16.14 1.79
CA LYS A 348 -28.01 17.06 2.65
C LYS A 348 -26.97 16.34 3.48
N GLU A 349 -27.24 15.09 3.83
CA GLU A 349 -26.19 14.25 4.41
C GLU A 349 -25.05 14.04 3.41
N PHE A 350 -25.39 13.92 2.13
CA PHE A 350 -24.40 13.84 1.08
C PHE A 350 -23.54 15.11 1.04
N GLN A 351 -24.18 16.28 0.97
CA GLN A 351 -23.42 17.53 0.87
C GLN A 351 -22.54 17.73 2.10
N GLU A 352 -23.06 17.39 3.28
CA GLU A 352 -22.21 17.42 4.47
C GLU A 352 -21.05 16.44 4.35
N GLY A 353 -21.28 15.31 3.70
CA GLY A 353 -20.20 14.35 3.49
C GLY A 353 -19.10 14.87 2.61
N LEU A 354 -19.44 15.75 1.65
CA LEU A 354 -18.41 16.30 0.78
C LEU A 354 -17.48 17.21 1.56
N LYS A 355 -18.03 18.02 2.47
CA LYS A 355 -17.20 18.92 3.27
C LYS A 355 -16.19 18.15 4.11
N ILE A 356 -16.54 16.93 4.52
CA ILE A 356 -15.63 16.11 5.31
C ILE A 356 -14.51 15.56 4.45
N PHE A 357 -14.83 15.17 3.22
CA PHE A 357 -13.80 14.66 2.32
C PHE A 357 -13.11 15.75 1.52
N PHE A 358 -13.66 16.97 1.44
CA PHE A 358 -13.03 18.06 0.69
C PHE A 358 -13.06 19.36 1.50
N PRO A 359 -12.41 19.36 2.67
CA PRO A 359 -12.64 20.48 3.61
C PRO A 359 -12.12 21.82 3.11
N GLY A 360 -10.92 21.86 2.53
CA GLY A 360 -10.38 23.11 2.05
C GLY A 360 -10.67 23.40 0.58
N VAL A 361 -11.85 22.98 0.13
CA VAL A 361 -12.24 23.08 -1.28
C VAL A 361 -13.39 24.08 -1.37
N SER A 362 -13.39 24.87 -2.45
CA SER A 362 -14.35 25.94 -2.63
C SER A 362 -15.79 25.44 -2.59
N GLU A 363 -16.71 26.37 -2.35
CA GLU A 363 -18.12 26.00 -2.38
C GLU A 363 -18.51 25.52 -3.77
N PHE A 364 -18.01 26.21 -4.80
CA PHE A 364 -18.28 25.80 -6.17
C PHE A 364 -17.66 24.46 -6.50
N GLY A 365 -16.50 24.16 -5.92
CA GLY A 365 -15.91 22.84 -6.11
C GLY A 365 -16.79 21.73 -5.57
N LYS A 366 -17.24 21.87 -4.32
CA LYS A 366 -18.18 20.89 -3.78
C LYS A 366 -19.42 20.78 -4.66
N GLU A 367 -19.89 21.91 -5.23
CA GLU A 367 -21.07 21.83 -6.07
C GLU A 367 -20.79 21.10 -7.37
N SER A 368 -19.57 21.22 -7.89
CA SER A 368 -19.21 20.51 -9.11
C SER A 368 -19.25 19.01 -8.92
N ILE A 369 -18.76 18.52 -7.78
CA ILE A 369 -18.83 17.09 -7.49
C ILE A 369 -20.28 16.65 -7.41
N LEU A 370 -21.13 17.45 -6.75
CA LEU A 370 -22.52 17.09 -6.61
C LEU A 370 -23.21 17.02 -7.96
N PHE A 371 -22.90 17.95 -8.84
CA PHE A 371 -23.59 18.01 -10.12
C PHE A 371 -23.27 16.80 -10.99
N HIS A 372 -22.03 16.31 -10.96
CA HIS A 372 -21.65 15.20 -11.84
C HIS A 372 -22.10 13.84 -11.33
N TYR A 373 -22.32 13.69 -10.02
CA TYR A 373 -22.68 12.40 -9.46
C TYR A 373 -24.13 12.30 -9.05
N THR A 374 -24.88 13.41 -8.95
CA THR A 374 -26.28 13.37 -8.57
C THR A 374 -27.21 13.63 -9.74
N ASP A 375 -26.72 13.46 -10.97
CA ASP A 375 -27.60 13.49 -12.14
C ASP A 375 -27.91 12.04 -12.47
N TRP A 376 -28.79 11.46 -11.64
CA TRP A 376 -28.97 10.02 -11.58
C TRP A 376 -29.36 9.45 -12.94
N VAL A 377 -28.89 8.24 -13.21
CA VAL A 377 -29.44 7.37 -14.23
C VAL A 377 -30.95 7.31 -14.03
N ASP A 378 -31.40 7.49 -12.78
CA ASP A 378 -32.79 7.79 -12.45
C ASP A 378 -32.95 8.08 -10.96
N ASP A 379 -33.91 8.97 -10.65
CA ASP A 379 -34.24 9.42 -9.29
C ASP A 379 -35.08 8.38 -8.55
N GLN A 380 -35.50 8.76 -7.34
CA GLN A 380 -36.41 8.04 -6.45
C GLN A 380 -35.76 6.84 -5.77
N ARG A 381 -34.60 6.36 -6.23
CA ARG A 381 -33.93 5.26 -5.56
C ARG A 381 -33.33 5.74 -4.24
N PRO A 382 -33.55 5.03 -3.12
CA PRO A 382 -33.12 5.57 -1.83
C PRO A 382 -31.61 5.52 -1.62
N GLU A 383 -30.91 4.58 -2.26
CA GLU A 383 -29.48 4.48 -2.06
C GLU A 383 -28.68 5.45 -2.93
N ASN A 384 -29.37 6.24 -3.77
CA ASN A 384 -28.71 7.12 -4.72
C ASN A 384 -27.58 7.89 -4.05
N TYR A 385 -27.89 8.64 -2.98
CA TYR A 385 -26.87 9.45 -2.36
C TYR A 385 -25.81 8.60 -1.66
N ARG A 386 -26.21 7.47 -1.06
CA ARG A 386 -25.23 6.59 -0.42
C ARG A 386 -24.21 6.06 -1.43
N GLU A 387 -24.70 5.56 -2.56
CA GLU A 387 -23.82 4.97 -3.55
C GLU A 387 -22.95 6.00 -4.22
N ALA A 388 -23.49 7.21 -4.43
CA ALA A 388 -22.72 8.25 -5.11
C ALA A 388 -21.52 8.68 -4.28
N LEU A 389 -21.70 8.87 -2.97
CA LEU A 389 -20.58 9.37 -2.18
C LEU A 389 -19.50 8.32 -2.05
N GLY A 390 -19.88 7.04 -2.01
CA GLY A 390 -18.90 5.99 -2.06
C GLY A 390 -18.07 6.04 -3.33
N ASP A 391 -18.75 6.19 -4.48
CA ASP A 391 -18.05 6.32 -5.75
C ASP A 391 -17.20 7.58 -5.82
N VAL A 392 -17.73 8.69 -5.29
CA VAL A 392 -16.98 9.95 -5.30
C VAL A 392 -15.62 9.76 -4.63
N VAL A 393 -15.62 9.13 -3.46
CA VAL A 393 -14.36 8.92 -2.74
C VAL A 393 -13.51 7.90 -3.47
N GLY A 394 -14.14 6.85 -4.00
CA GLY A 394 -13.40 5.84 -4.73
C GLY A 394 -12.77 6.39 -6.01
N ASP A 395 -13.59 7.03 -6.85
CA ASP A 395 -13.08 7.56 -8.12
C ASP A 395 -11.98 8.59 -7.88
N TYR A 396 -12.16 9.46 -6.89
CA TYR A 396 -11.23 10.56 -6.70
C TYR A 396 -9.91 10.06 -6.10
N ASN A 397 -9.98 9.15 -5.14
CA ASN A 397 -8.81 8.80 -4.35
C ASN A 397 -8.04 7.61 -4.86
N PHE A 398 -8.65 6.73 -5.67
CA PHE A 398 -7.96 5.51 -6.05
C PHE A 398 -8.11 5.19 -7.54
N ILE A 399 -9.34 5.10 -8.01
CA ILE A 399 -9.60 4.51 -9.33
C ILE A 399 -8.99 5.38 -10.43
N CYS A 400 -9.36 6.67 -10.46
CA CYS A 400 -8.83 7.56 -11.50
C CYS A 400 -7.31 7.78 -11.42
N PRO A 401 -6.69 7.98 -10.26
CA PRO A 401 -5.21 8.10 -10.25
C PRO A 401 -4.51 6.84 -10.72
N ALA A 402 -5.03 5.67 -10.38
CA ALA A 402 -4.39 4.45 -10.86
C ALA A 402 -4.50 4.35 -12.38
N LEU A 403 -5.70 4.61 -12.92
CA LEU A 403 -5.86 4.60 -14.37
C LEU A 403 -4.95 5.63 -15.04
N GLU A 404 -4.98 6.87 -14.55
CA GLU A 404 -4.13 7.90 -15.13
C GLU A 404 -2.66 7.50 -15.04
N PHE A 405 -2.25 6.91 -13.91
CA PHE A 405 -0.88 6.48 -13.81
C PHE A 405 -0.56 5.45 -14.88
N THR A 406 -1.49 4.54 -15.15
CA THR A 406 -1.22 3.47 -16.09
C THR A 406 -1.13 4.01 -17.52
N LYS A 407 -2.02 4.92 -17.88
CA LYS A 407 -1.96 5.51 -19.21
C LYS A 407 -0.62 6.22 -19.41
N LYS A 408 -0.23 7.05 -18.46
CA LYS A 408 1.00 7.83 -18.62
C LYS A 408 2.21 6.92 -18.65
N PHE A 409 2.19 5.85 -17.86
CA PHE A 409 3.29 4.90 -17.89
C PHE A 409 3.30 4.14 -19.20
N SER A 410 2.13 3.74 -19.69
CA SER A 410 2.09 2.95 -20.91
C SER A 410 2.49 3.76 -22.14
N GLU A 411 2.28 5.09 -22.10
CA GLU A 411 2.59 5.94 -23.26
C GLU A 411 4.07 5.94 -23.58
N TRP A 412 4.92 5.52 -22.65
CA TRP A 412 6.34 5.44 -22.89
C TRP A 412 6.79 4.05 -23.30
N GLY A 413 5.86 3.22 -23.77
CA GLY A 413 6.20 1.99 -24.44
C GLY A 413 6.41 0.76 -23.59
N ASN A 414 5.92 0.73 -22.36
CA ASN A 414 6.05 -0.45 -21.54
C ASN A 414 4.74 -1.22 -21.46
N ASN A 415 4.86 -2.53 -21.31
CA ASN A 415 3.69 -3.37 -21.12
C ASN A 415 3.04 -3.05 -19.77
N ALA A 416 1.74 -2.76 -19.81
CA ALA A 416 0.95 -2.50 -18.63
C ALA A 416 -0.26 -3.40 -18.65
N PHE A 417 -0.67 -3.86 -17.49
CA PHE A 417 -1.85 -4.68 -17.36
C PHE A 417 -2.74 -4.13 -16.24
N PHE A 418 -4.01 -3.89 -16.56
CA PHE A 418 -4.95 -3.32 -15.60
C PHE A 418 -6.07 -4.31 -15.30
N TYR A 419 -6.43 -4.40 -14.02
CA TYR A 419 -7.52 -5.25 -13.57
C TYR A 419 -8.56 -4.46 -12.79
N TYR A 420 -9.74 -5.05 -12.65
CA TYR A 420 -10.88 -4.45 -11.97
C TYR A 420 -11.46 -5.54 -11.09
N PHE A 421 -11.02 -5.60 -9.84
CA PHE A 421 -11.43 -6.63 -8.89
C PHE A 421 -12.85 -6.34 -8.41
N GLU A 422 -13.80 -7.24 -8.73
CA GLU A 422 -15.19 -7.01 -8.38
C GLU A 422 -15.83 -8.18 -7.67
N HIS A 423 -15.06 -8.98 -6.94
CA HIS A 423 -15.62 -10.03 -6.10
C HIS A 423 -15.71 -9.58 -4.64
N ARG A 424 -16.87 -9.76 -4.03
CA ARG A 424 -17.04 -9.48 -2.62
C ARG A 424 -16.80 -10.76 -1.81
N SER A 425 -15.80 -10.73 -0.93
CA SER A 425 -15.45 -11.88 -0.10
C SER A 425 -16.67 -12.41 0.64
N SER A 426 -16.84 -13.73 0.62
CA SER A 426 -17.92 -14.36 1.37
C SER A 426 -17.67 -14.32 2.87
N LYS A 427 -16.46 -13.98 3.31
CA LYS A 427 -16.16 -13.82 4.73
C LYS A 427 -15.94 -12.36 5.12
N LEU A 428 -16.28 -11.41 4.27
CA LEU A 428 -16.00 -10.02 4.58
C LEU A 428 -16.86 -9.57 5.76
N PRO A 429 -16.27 -9.15 6.88
CA PRO A 429 -17.09 -8.80 8.07
C PRO A 429 -18.01 -7.60 7.86
N TRP A 430 -17.59 -6.57 7.11
CA TRP A 430 -18.40 -5.37 6.94
C TRP A 430 -19.71 -5.69 6.20
N PRO A 431 -20.71 -4.78 6.27
CA PRO A 431 -22.00 -5.08 5.64
C PRO A 431 -21.95 -5.16 4.12
N GLU A 432 -23.11 -5.41 3.51
CA GLU A 432 -23.18 -5.70 2.09
C GLU A 432 -23.23 -4.43 1.24
N TRP A 433 -23.83 -3.35 1.75
CA TRP A 433 -23.87 -2.11 0.99
C TRP A 433 -22.49 -1.56 0.71
N MET A 434 -21.48 -1.98 1.49
CA MET A 434 -20.12 -1.53 1.27
C MET A 434 -19.43 -2.25 0.13
N GLY A 435 -20.05 -3.29 -0.43
CA GLY A 435 -19.59 -3.91 -1.66
C GLY A 435 -18.18 -4.48 -1.58
N VAL A 436 -17.47 -4.40 -2.71
CA VAL A 436 -16.11 -4.90 -2.88
C VAL A 436 -15.14 -3.89 -2.26
N MET A 437 -14.88 -4.04 -0.98
CA MET A 437 -14.28 -2.97 -0.20
C MET A 437 -12.80 -2.79 -0.50
N HIS A 438 -12.31 -1.59 -0.25
CA HIS A 438 -10.89 -1.29 -0.37
C HIS A 438 -10.07 -2.20 0.55
N GLY A 439 -9.18 -2.99 -0.04
CA GLY A 439 -8.24 -3.83 0.69
C GLY A 439 -8.57 -5.30 0.68
N TYR A 440 -9.76 -5.69 0.22
CA TYR A 440 -10.22 -7.07 0.38
C TYR A 440 -10.05 -7.88 -0.89
N GLU A 441 -8.99 -7.59 -1.62
CA GLU A 441 -8.46 -8.50 -2.61
C GLU A 441 -7.15 -9.10 -2.15
N ILE A 442 -6.59 -8.62 -1.04
CA ILE A 442 -5.26 -9.04 -0.62
C ILE A 442 -5.26 -10.51 -0.28
N GLU A 443 -6.27 -10.95 0.48
CA GLU A 443 -6.38 -12.37 0.84
C GLU A 443 -6.42 -13.25 -0.40
N PHE A 444 -7.01 -12.77 -1.50
CA PHE A 444 -7.00 -13.58 -2.72
C PHE A 444 -5.64 -13.58 -3.37
N VAL A 445 -4.89 -12.48 -3.26
CA VAL A 445 -3.57 -12.45 -3.87
C VAL A 445 -2.62 -13.38 -3.13
N PHE A 446 -2.70 -13.40 -1.79
CA PHE A 446 -1.82 -14.22 -0.98
C PHE A 446 -2.26 -15.68 -0.88
N GLY A 447 -3.43 -16.03 -1.43
CA GLY A 447 -3.79 -17.43 -1.57
C GLY A 447 -4.46 -18.02 -0.37
N LEU A 448 -5.16 -17.20 0.40
CA LEU A 448 -5.85 -17.60 1.62
C LEU A 448 -7.06 -18.48 1.32
N PRO A 449 -7.86 -18.20 0.28
CA PRO A 449 -8.93 -19.14 -0.09
C PRO A 449 -8.43 -20.50 -0.56
N LEU A 450 -7.12 -20.70 -0.72
CA LEU A 450 -6.63 -22.02 -1.10
C LEU A 450 -6.73 -23.01 0.06
N GLU A 451 -6.61 -22.53 1.30
CA GLU A 451 -6.79 -23.38 2.47
C GLU A 451 -8.27 -23.69 2.61
N ARG A 452 -8.65 -24.92 2.21
CA ARG A 452 -10.05 -25.33 2.22
C ARG A 452 -10.64 -25.34 3.62
N ARG A 453 -9.81 -25.31 4.66
CA ARG A 453 -10.26 -25.22 6.04
C ARG A 453 -10.70 -23.82 6.45
N ASP A 454 -10.59 -22.83 5.56
CA ASP A 454 -10.68 -21.44 5.95
C ASP A 454 -12.02 -20.79 5.65
N GLN A 455 -13.07 -21.58 5.39
CA GLN A 455 -14.47 -21.12 5.26
C GLN A 455 -14.79 -20.46 3.91
N TYR A 456 -13.84 -20.41 2.98
CA TYR A 456 -14.11 -19.79 1.69
C TYR A 456 -14.83 -20.76 0.76
N THR A 457 -15.60 -20.22 -0.17
CA THR A 457 -16.31 -21.08 -1.11
C THR A 457 -15.36 -21.61 -2.17
N LYS A 458 -15.82 -22.69 -2.83
CA LYS A 458 -15.03 -23.30 -3.90
C LYS A 458 -14.70 -22.31 -5.00
N ALA A 459 -15.66 -21.46 -5.35
CA ALA A 459 -15.43 -20.49 -6.41
C ALA A 459 -14.33 -19.52 -6.02
N GLU A 460 -14.25 -19.14 -4.74
CA GLU A 460 -13.18 -18.26 -4.30
C GLU A 460 -11.83 -18.95 -4.36
N GLU A 461 -11.80 -20.24 -4.02
CA GLU A 461 -10.57 -21.00 -4.19
C GLU A 461 -10.12 -21.02 -5.65
N ILE A 462 -11.08 -21.17 -6.57
CA ILE A 462 -10.73 -21.16 -8.00
C ILE A 462 -10.21 -19.79 -8.41
N LEU A 463 -10.90 -18.72 -7.99
CA LEU A 463 -10.51 -17.37 -8.37
C LEU A 463 -9.15 -17.00 -7.78
N SER A 464 -8.93 -17.33 -6.51
CA SER A 464 -7.64 -17.09 -5.87
C SER A 464 -6.54 -17.87 -6.58
N ARG A 465 -6.85 -19.11 -6.95
CA ARG A 465 -5.88 -19.95 -7.62
C ARG A 465 -5.45 -19.34 -8.94
N SER A 466 -6.38 -18.70 -9.65
CA SER A 466 -6.00 -18.16 -10.94
C SER A 466 -5.23 -16.84 -10.77
N ILE A 467 -5.68 -16.01 -9.83
CA ILE A 467 -4.99 -14.76 -9.51
C ILE A 467 -3.54 -15.04 -9.10
N VAL A 468 -3.36 -15.97 -8.16
CA VAL A 468 -2.02 -16.33 -7.71
C VAL A 468 -1.15 -16.76 -8.91
N LYS A 469 -1.72 -17.55 -9.82
CA LYS A 469 -0.99 -17.92 -11.04
C LYS A 469 -0.66 -16.68 -11.86
N ARG A 470 -1.67 -15.85 -12.15
CA ARG A 470 -1.45 -14.65 -12.93
C ARG A 470 -0.40 -13.74 -12.29
N TRP A 471 -0.47 -13.55 -10.97
CA TRP A 471 0.52 -12.71 -10.31
C TRP A 471 1.91 -13.30 -10.42
N ALA A 472 2.03 -14.62 -10.28
CA ALA A 472 3.34 -15.24 -10.29
C ALA A 472 3.92 -15.23 -11.70
N ASN A 473 3.09 -15.49 -12.71
CA ASN A 473 3.58 -15.43 -14.08
C ASN A 473 4.08 -14.04 -14.40
N PHE A 474 3.35 -13.01 -14.01
CA PHE A 474 3.85 -11.66 -14.22
C PHE A 474 5.18 -11.47 -13.53
N ALA A 475 5.35 -12.03 -12.33
CA ALA A 475 6.61 -11.86 -11.63
C ALA A 475 7.73 -12.59 -12.34
N LYS A 476 7.48 -13.84 -12.75
CA LYS A 476 8.54 -14.61 -13.37
C LYS A 476 8.76 -14.21 -14.82
N TYR A 477 7.68 -14.00 -15.58
CA TYR A 477 7.79 -13.86 -17.02
C TYR A 477 7.25 -12.54 -17.55
N GLY A 478 6.95 -11.59 -16.69
CA GLY A 478 6.42 -10.34 -17.17
C GLY A 478 5.07 -10.42 -17.85
N ASN A 479 4.38 -11.56 -17.78
CA ASN A 479 3.09 -11.59 -18.43
C ASN A 479 2.08 -12.35 -17.58
N PRO A 480 1.04 -11.67 -17.06
CA PRO A 480 0.14 -12.29 -16.09
C PRO A 480 -0.96 -13.11 -16.76
N GLN A 481 -0.55 -14.16 -17.46
CA GLN A 481 -1.52 -15.06 -18.07
C GLN A 481 -1.69 -16.32 -17.24
N GLU A 482 -2.78 -17.04 -17.52
CA GLU A 482 -3.03 -18.37 -17.00
C GLU A 482 -3.21 -19.25 -18.23
N THR A 483 -2.11 -19.88 -18.66
CA THR A 483 -2.09 -20.58 -19.93
C THR A 483 -2.70 -21.98 -19.86
N GLN A 484 -2.62 -22.64 -18.71
CA GLN A 484 -2.93 -24.07 -18.63
C GLN A 484 -4.43 -24.31 -18.78
N ASN A 485 -5.23 -23.64 -17.98
CA ASN A 485 -6.66 -23.80 -18.06
C ASN A 485 -7.23 -22.81 -19.08
N GLN A 486 -8.40 -23.14 -19.62
CA GLN A 486 -8.95 -22.42 -20.76
C GLN A 486 -9.55 -21.12 -20.24
N SER A 487 -8.67 -20.17 -19.95
CA SER A 487 -9.05 -18.94 -19.28
C SER A 487 -8.78 -17.74 -20.17
N THR A 488 -9.49 -16.65 -19.86
CA THR A 488 -9.39 -15.41 -20.62
C THR A 488 -7.96 -14.88 -20.60
N SER A 489 -7.44 -14.52 -21.77
CA SER A 489 -6.11 -13.97 -21.84
C SER A 489 -6.16 -12.50 -21.44
N TRP A 490 -5.11 -12.05 -20.76
CA TRP A 490 -5.11 -10.71 -20.20
C TRP A 490 -4.36 -9.77 -21.15
N PRO A 491 -5.03 -8.80 -21.75
CA PRO A 491 -4.39 -7.98 -22.78
C PRO A 491 -3.59 -6.83 -22.20
N VAL A 492 -2.64 -6.34 -23.01
CA VAL A 492 -1.88 -5.15 -22.63
C VAL A 492 -2.82 -3.94 -22.61
N PHE A 493 -2.55 -3.06 -21.66
CA PHE A 493 -3.27 -1.79 -21.55
C PHE A 493 -2.55 -0.76 -22.42
N LYS A 494 -3.18 -0.38 -23.53
CA LYS A 494 -2.66 0.64 -24.42
C LYS A 494 -3.41 1.94 -24.19
N SER A 495 -2.71 3.06 -24.36
CA SER A 495 -3.34 4.35 -24.04
C SER A 495 -4.53 4.63 -24.93
N THR A 496 -4.57 4.04 -26.13
CA THR A 496 -5.70 4.29 -27.01
C THR A 496 -6.89 3.43 -26.62
N GLU A 497 -6.72 2.10 -26.65
CA GLU A 497 -7.85 1.19 -26.46
C GLU A 497 -8.25 1.05 -25.00
N GLN A 498 -7.28 1.07 -24.08
CA GLN A 498 -7.55 1.08 -22.63
C GLN A 498 -8.32 -0.16 -22.18
N LYS A 499 -7.83 -1.33 -22.58
CA LYS A 499 -8.47 -2.58 -22.19
C LYS A 499 -8.04 -2.98 -20.79
N TYR A 500 -9.00 -3.50 -20.02
CA TYR A 500 -8.76 -4.06 -18.69
C TYR A 500 -9.51 -5.37 -18.53
N LEU A 501 -9.11 -6.13 -17.52
CA LEU A 501 -9.68 -7.43 -17.22
C LEU A 501 -10.40 -7.40 -15.87
N THR A 502 -11.66 -7.87 -15.85
CA THR A 502 -12.42 -7.99 -14.62
C THR A 502 -12.10 -9.32 -13.94
N LEU A 503 -12.04 -9.31 -12.62
CA LEU A 503 -11.70 -10.49 -11.83
C LEU A 503 -12.86 -10.80 -10.91
N ASN A 504 -13.41 -12.01 -11.01
CA ASN A 504 -14.48 -12.45 -10.14
C ASN A 504 -14.71 -13.93 -10.38
N THR A 505 -15.68 -14.48 -9.64
CA THR A 505 -15.94 -15.91 -9.67
C THR A 505 -16.67 -16.32 -10.94
N GLU A 506 -17.74 -15.59 -11.29
CA GLU A 506 -18.53 -15.87 -12.47
C GLU A 506 -17.67 -15.90 -13.74
N SER A 507 -17.31 -14.72 -14.24
CA SER A 507 -16.64 -14.58 -15.51
C SER A 507 -15.51 -13.56 -15.38
N THR A 508 -14.46 -13.75 -16.15
CA THR A 508 -13.45 -12.71 -16.26
C THR A 508 -13.54 -12.15 -17.67
N ARG A 509 -14.24 -11.02 -17.80
CA ARG A 509 -14.49 -10.37 -19.07
C ARG A 509 -13.47 -9.25 -19.33
N ILE A 510 -13.30 -8.94 -20.60
CA ILE A 510 -12.39 -7.90 -21.05
C ILE A 510 -13.22 -6.73 -21.54
N MET A 511 -13.02 -5.57 -20.90
CA MET A 511 -13.78 -4.36 -21.16
C MET A 511 -12.81 -3.21 -21.40
N THR A 512 -13.37 -2.04 -21.69
CA THR A 512 -12.58 -0.91 -22.15
C THR A 512 -12.96 0.36 -21.40
N LYS A 513 -11.95 1.16 -21.10
CA LYS A 513 -12.11 2.56 -20.70
C LYS A 513 -12.92 2.67 -19.41
N LEU A 514 -12.37 2.09 -18.35
CA LEU A 514 -13.04 2.03 -17.05
C LEU A 514 -13.31 3.42 -16.48
N ARG A 515 -14.55 3.66 -16.07
CA ARG A 515 -14.97 4.90 -15.40
C ARG A 515 -14.53 6.14 -16.18
N ALA A 516 -14.75 6.11 -17.50
CA ALA A 516 -14.21 7.14 -18.38
C ALA A 516 -14.80 8.51 -18.08
N GLN A 517 -16.14 8.61 -18.05
CA GLN A 517 -16.76 9.90 -17.78
C GLN A 517 -16.41 10.42 -16.40
N GLN A 518 -16.47 9.54 -15.38
CA GLN A 518 -16.17 9.96 -14.01
C GLN A 518 -14.71 10.40 -13.88
N CYS A 519 -13.80 9.71 -14.56
CA CYS A 519 -12.38 9.98 -14.38
C CYS A 519 -11.93 11.23 -15.09
N ARG A 520 -12.56 11.56 -16.22
CA ARG A 520 -12.28 12.82 -16.91
C ARG A 520 -12.61 14.02 -16.04
N PHE A 521 -13.78 13.97 -15.40
CA PHE A 521 -14.13 15.00 -14.42
C PHE A 521 -13.03 15.17 -13.39
N TRP A 522 -12.57 14.05 -12.79
CA TRP A 522 -11.59 14.17 -11.71
C TRP A 522 -10.21 14.59 -12.21
N THR A 523 -9.87 14.26 -13.46
CA THR A 523 -8.52 14.47 -13.93
C THR A 523 -8.37 15.64 -14.90
N SER A 524 -9.46 16.14 -15.49
CA SER A 524 -9.37 17.30 -16.37
C SER A 524 -9.94 18.55 -15.73
N PHE A 525 -11.11 18.49 -15.10
CA PHE A 525 -11.79 19.70 -14.68
C PHE A 525 -11.86 19.90 -13.17
N PHE A 526 -11.62 18.87 -12.39
CA PHE A 526 -11.57 19.08 -10.95
C PHE A 526 -10.22 19.59 -10.45
N PRO A 527 -9.08 19.18 -11.02
CA PRO A 527 -7.79 19.74 -10.55
C PRO A 527 -7.66 21.24 -10.75
N LYS A 528 -8.63 21.90 -11.37
CA LYS A 528 -8.57 23.33 -11.59
C LYS A 528 -9.09 24.12 -10.40
N VAL A 529 -10.00 23.55 -9.61
CA VAL A 529 -10.62 24.24 -8.49
C VAL A 529 -9.66 24.39 -7.29
#